data_7N7C
#
_entry.id   7N7C
#
_cell.length_a   126.997
_cell.length_b   74.039
_cell.length_c   82.328
_cell.angle_alpha   90.000
_cell.angle_beta   115.040
_cell.angle_gamma   90.000
#
_symmetry.space_group_name_H-M   'C 1 2 1'
#
loop_
_entity.id
_entity.type
_entity.pdbx_description
1 polymer 'Formyl_trans_N domain-containing protein'
2 non-polymer 'N-{[4-({[(6R)-2-amino-5-formyl-4-oxo-1,4,5,6,7,8-hexahydropteridin-6-yl]methyl}amino)phenyl]carbonyl}-L-glutamic acid'
3 non-polymer '[(3R,4S,5S,6R)-4-amino-3,5-dihydroxy-6-methyloxan-2-yl][hydroxy-[[(2R,3S,5R)-3-hydroxy-5-(5-methyl-2,4-dioxopyrimidin-1-yl)oxolan-2-yl]methoxy]phosphoryl] hydrogen phosphate'
4 non-polymer 1,2-ETHANEDIOL
5 non-polymer 'POTASSIUM ION'
6 water water
#
_entity_poly.entity_id   1
_entity_poly.type   'polypeptide(L)'
_entity_poly.pdbx_seq_one_letter_code
;MIKLCIAGKNNIAVNSLEYILKNHFKPDQVAVIPNKNDFGVDSWQKSLLHYAFNNHIKVITLEEAYELKQIIFFSLEFDR
IVKVEKFKSDKLFNMHFSALPKYKGVFTSITPILNNEVESGVTLHCIDNGIDTGNIIDQYIFPININDTARDLYFNYLSY
GEYLFKKNIQRIINNTYENFKQNNISSSYFSRQDININHKINFKKTSFEIHNQIRAFIFKEYQLPSINKTKIIKSTLTNE
FIGYNMFEEFEEYFMISGIDGFKIIAQKYNAELEHHHHHH
;
_entity_poly.pdbx_strand_id   A,B
#
loop_
_chem_comp.id
_chem_comp.type
_chem_comp.name
_chem_comp.formula
EDO non-polymer 1,2-ETHANEDIOL 'C2 H6 O2'
FON non-polymer 'N-{[4-({[(6R)-2-amino-5-formyl-4-oxo-1,4,5,6,7,8-hexahydropteridin-6-yl]methyl}amino)phenyl]carbonyl}-L-glutamic acid' 'C20 H23 N7 O7'
K non-polymer 'POTASSIUM ION' 'K 1'
T3Q non-polymer '[(3R,4S,5S,6R)-4-amino-3,5-dihydroxy-6-methyloxan-2-yl][hydroxy-[[(2R,3S,5R)-3-hydroxy-5-(5-methyl-2,4-dioxopyrimidin-1-yl)oxolan-2-yl]methoxy]phosphoryl] hydrogen phosphate' 'C16 H27 N3 O14 P2'
#
# COMPACT_ATOMS: atom_id res chain seq x y z
N MET A 1 39.02 5.79 26.41
CA MET A 1 38.36 6.70 25.45
C MET A 1 36.92 6.22 25.24
N ILE A 2 36.03 7.09 24.77
CA ILE A 2 34.64 6.70 24.40
C ILE A 2 34.69 5.94 23.08
N LYS A 3 34.29 4.67 23.08
CA LYS A 3 34.31 3.79 21.90
C LYS A 3 32.92 3.78 21.23
N LEU A 4 31.85 3.97 22.02
CA LEU A 4 30.48 3.83 21.49
C LEU A 4 29.55 4.81 22.20
N CYS A 5 28.67 5.39 21.41
CA CYS A 5 27.62 6.33 21.86
C CYS A 5 26.26 5.77 21.45
N ILE A 6 25.34 5.58 22.40
CA ILE A 6 23.92 5.25 22.06
C ILE A 6 23.09 6.52 22.21
N ALA A 7 22.48 6.93 21.09
CA ALA A 7 21.55 8.08 21.05
C ALA A 7 20.13 7.54 20.83
N GLY A 8 19.19 7.97 21.68
CA GLY A 8 17.76 7.66 21.56
C GLY A 8 17.08 7.32 22.88
N LYS A 9 16.15 6.35 22.87
CA LYS A 9 15.19 6.19 23.98
C LYS A 9 14.62 4.78 24.06
N ASN A 10 13.87 4.54 25.14
CA ASN A 10 12.90 3.42 25.28
C ASN A 10 13.71 2.13 25.41
N ASN A 11 13.02 1.00 25.52
CA ASN A 11 13.68 -0.26 25.95
C ASN A 11 14.76 -0.65 24.94
N ILE A 12 14.62 -0.27 23.68
CA ILE A 12 15.65 -0.69 22.67
C ILE A 12 16.99 -0.03 23.01
N ALA A 13 17.00 1.26 23.35
CA ALA A 13 18.24 1.99 23.68
C ALA A 13 18.82 1.44 25.00
N VAL A 14 17.99 1.33 26.03
CA VAL A 14 18.42 0.86 27.37
C VAL A 14 18.95 -0.57 27.24
N ASN A 15 18.19 -1.47 26.63
CA ASN A 15 18.56 -2.90 26.61
C ASN A 15 19.76 -3.11 25.70
N SER A 16 19.92 -2.31 24.64
CA SER A 16 21.09 -2.44 23.75
C SER A 16 22.32 -1.93 24.52
N LEU A 17 22.18 -0.89 25.34
CA LEU A 17 23.33 -0.37 26.14
C LEU A 17 23.75 -1.41 27.20
N GLU A 18 22.78 -1.99 27.91
CA GLU A 18 23.02 -3.11 28.87
C GLU A 18 23.86 -4.20 28.17
N TYR A 19 23.47 -4.60 26.96
CA TYR A 19 24.17 -5.64 26.18
C TYR A 19 25.63 -5.23 25.90
N ILE A 20 25.82 -3.97 25.53
CA ILE A 20 27.20 -3.43 25.30
C ILE A 20 28.01 -3.64 26.58
N LEU A 21 27.45 -3.28 27.73
CA LEU A 21 28.21 -3.28 29.00
C LEU A 21 28.50 -4.72 29.43
N LYS A 22 27.63 -5.67 29.11
CA LYS A 22 27.84 -7.09 29.51
C LYS A 22 28.87 -7.72 28.57
N ASN A 23 28.96 -7.27 27.33
CA ASN A 23 29.57 -8.10 26.28
C ASN A 23 30.75 -7.41 25.60
N HIS A 24 30.83 -6.07 25.61
CA HIS A 24 31.75 -5.33 24.69
C HIS A 24 32.60 -4.26 25.40
N PHE A 25 32.00 -3.36 26.16
CA PHE A 25 32.70 -2.12 26.55
C PHE A 25 32.38 -1.81 28.00
N LYS A 26 33.36 -1.23 28.70
CA LYS A 26 33.24 -0.78 30.10
C LYS A 26 32.43 0.50 30.15
N PRO A 27 31.80 0.82 31.31
CA PRO A 27 31.01 2.04 31.42
C PRO A 27 31.78 3.27 30.93
N ASP A 28 33.08 3.34 31.20
CA ASP A 28 33.92 4.53 30.89
C ASP A 28 34.19 4.60 29.38
N GLN A 29 33.87 3.55 28.60
CA GLN A 29 34.06 3.54 27.13
C GLN A 29 32.77 3.82 26.37
N VAL A 30 31.68 4.13 27.08
CA VAL A 30 30.36 4.34 26.44
C VAL A 30 29.77 5.68 26.89
N ALA A 31 28.91 6.27 26.06
CA ALA A 31 28.19 7.52 26.35
C ALA A 31 26.79 7.45 25.76
N VAL A 32 25.89 8.28 26.27
CA VAL A 32 24.50 8.34 25.76
C VAL A 32 24.20 9.77 25.32
N ILE A 33 23.32 9.87 24.35
CA ILE A 33 22.61 11.13 24.02
C ILE A 33 21.11 10.86 24.09
N PRO A 34 20.47 11.28 25.19
CA PRO A 34 19.05 11.00 25.41
C PRO A 34 18.18 11.92 24.54
N ASN A 35 16.94 11.49 24.31
CA ASN A 35 15.94 12.29 23.58
C ASN A 35 15.52 13.46 24.47
N LYS A 36 14.93 14.48 23.89
CA LYS A 36 14.43 15.63 24.68
C LYS A 36 13.24 15.27 25.55
N ASN A 37 12.58 14.13 25.34
CA ASN A 37 11.40 13.72 26.15
C ASN A 37 11.90 12.93 27.38
N ASP A 38 13.22 12.71 27.53
CA ASP A 38 13.80 11.89 28.61
C ASP A 38 14.08 12.80 29.79
N PHE A 39 13.32 12.61 30.86
CA PHE A 39 13.47 13.38 32.12
C PHE A 39 14.04 12.48 33.21
N GLY A 40 14.55 11.30 32.88
CA GLY A 40 15.18 10.43 33.88
C GLY A 40 14.19 9.54 34.62
N VAL A 41 12.98 9.38 34.10
CA VAL A 41 11.84 8.71 34.81
C VAL A 41 11.34 7.53 33.98
N ASP A 42 11.46 6.33 34.52
CA ASP A 42 10.91 5.09 33.93
C ASP A 42 9.39 5.22 33.89
N SER A 43 8.76 4.86 32.76
CA SER A 43 7.29 4.88 32.62
C SER A 43 6.88 3.61 31.88
N TRP A 44 6.06 3.69 30.84
CA TRP A 44 5.68 2.50 30.03
C TRP A 44 6.86 2.02 29.17
N GLN A 45 7.93 2.81 29.13
CA GLN A 45 9.27 2.38 28.65
C GLN A 45 10.30 2.86 29.66
N LYS A 46 11.48 2.23 29.69
CA LYS A 46 12.62 2.61 30.55
C LYS A 46 13.26 3.88 29.99
N SER A 47 13.72 4.77 30.90
CA SER A 47 14.46 6.03 30.66
C SER A 47 15.93 5.72 30.40
N LEU A 48 16.46 6.08 29.24
CA LEU A 48 17.94 5.93 28.99
C LEU A 48 18.75 6.74 30.02
N LEU A 49 18.32 7.96 30.31
CA LEU A 49 18.98 8.85 31.28
C LEU A 49 18.96 8.21 32.67
N HIS A 50 17.82 7.68 33.16
CA HIS A 50 17.77 6.92 34.44
C HIS A 50 18.83 5.80 34.43
N TYR A 51 18.92 5.05 33.33
CA TYR A 51 19.82 3.88 33.22
C TYR A 51 21.29 4.32 33.25
N ALA A 52 21.61 5.38 32.52
CA ALA A 52 22.96 6.01 32.54
C ALA A 52 23.26 6.45 33.99
N PHE A 53 22.29 6.99 34.72
CA PHE A 53 22.52 7.47 36.11
C PHE A 53 22.96 6.30 36.99
N ASN A 54 22.20 5.20 36.92
CA ASN A 54 22.41 4.00 37.77
C ASN A 54 23.72 3.35 37.38
N ASN A 55 24.18 3.52 36.14
CA ASN A 55 25.34 2.73 35.63
C ASN A 55 26.57 3.59 35.44
N HIS A 56 26.58 4.83 35.90
CA HIS A 56 27.74 5.74 35.79
C HIS A 56 28.14 5.87 34.31
N ILE A 57 27.17 6.10 33.43
CA ILE A 57 27.46 6.40 32.01
C ILE A 57 27.29 7.90 31.78
N LYS A 58 28.27 8.46 31.11
CA LYS A 58 28.39 9.89 30.77
C LYS A 58 27.33 10.21 29.71
N VAL A 59 26.67 11.35 29.88
CA VAL A 59 25.86 11.99 28.81
C VAL A 59 26.80 12.92 28.04
N ILE A 60 26.82 12.80 26.72
CA ILE A 60 27.57 13.70 25.80
C ILE A 60 26.53 14.41 24.93
N THR A 61 26.96 15.53 24.37
CA THR A 61 26.25 16.29 23.32
C THR A 61 26.60 15.66 21.96
N LEU A 62 25.72 15.87 21.00
CA LEU A 62 26.01 15.61 19.57
C LEU A 62 27.33 16.32 19.17
N GLU A 63 27.50 17.58 19.60
CA GLU A 63 28.69 18.42 19.24
C GLU A 63 29.96 17.72 19.74
N GLU A 64 29.94 17.09 20.92
CA GLU A 64 31.07 16.29 21.44
C GLU A 64 31.30 15.03 20.60
N ALA A 65 30.23 14.31 20.24
CA ALA A 65 30.31 13.03 19.50
C ALA A 65 30.98 13.26 18.13
N TYR A 66 30.71 14.42 17.53
CA TYR A 66 31.27 14.83 16.22
C TYR A 66 32.80 14.79 16.27
N GLU A 67 33.37 15.19 17.41
CA GLU A 67 34.84 15.36 17.57
C GLU A 67 35.51 14.05 17.96
N LEU A 68 34.76 13.00 18.31
CA LEU A 68 35.36 11.74 18.82
C LEU A 68 35.66 10.83 17.63
N LYS A 69 36.90 10.85 17.17
CA LYS A 69 37.32 9.96 16.08
C LYS A 69 37.07 8.52 16.50
N GLN A 70 36.72 7.66 15.55
CA GLN A 70 36.63 6.21 15.80
C GLN A 70 35.35 5.85 16.57
N ILE A 71 34.57 6.81 17.03
CA ILE A 71 33.38 6.48 17.86
C ILE A 71 32.40 5.71 16.98
N ILE A 72 31.81 4.64 17.52
CA ILE A 72 30.62 3.96 16.92
C ILE A 72 29.41 4.72 17.44
N PHE A 73 28.77 5.49 16.57
CA PHE A 73 27.53 6.24 16.86
C PHE A 73 26.32 5.42 16.43
N PHE A 74 25.44 5.11 17.39
CA PHE A 74 24.27 4.23 17.14
C PHE A 74 23.01 4.96 17.60
N SER A 75 22.14 5.29 16.65
CA SER A 75 20.81 5.87 16.94
CA SER A 75 20.80 5.87 16.92
C SER A 75 19.79 4.74 17.11
N LEU A 76 19.10 4.74 18.25
CA LEU A 76 17.99 3.80 18.59
C LEU A 76 16.82 4.67 19.04
N GLU A 77 15.98 5.04 18.08
CA GLU A 77 14.83 5.96 18.27
C GLU A 77 15.33 7.32 18.74
N PHE A 78 16.44 7.77 18.17
CA PHE A 78 16.95 9.14 18.38
C PHE A 78 15.99 10.13 17.70
N ASP A 79 15.77 11.29 18.32
CA ASP A 79 14.75 12.27 17.87
C ASP A 79 15.35 13.31 16.90
N ARG A 80 16.65 13.26 16.58
CA ARG A 80 17.30 14.31 15.76
C ARG A 80 17.98 13.76 14.49
N ILE A 81 17.79 14.46 13.37
CA ILE A 81 18.51 14.16 12.10
C ILE A 81 19.93 14.71 12.23
N VAL A 82 20.95 13.92 11.96
CA VAL A 82 22.38 14.32 12.07
C VAL A 82 22.88 14.68 10.66
N LYS A 83 23.84 15.61 10.61
CA LYS A 83 24.65 15.97 9.42
C LYS A 83 25.96 15.17 9.48
N VAL A 84 26.08 14.18 8.62
CA VAL A 84 27.16 13.15 8.68
C VAL A 84 28.54 13.79 8.43
N GLU A 85 28.62 14.88 7.67
CA GLU A 85 29.91 15.57 7.39
C GLU A 85 30.44 16.19 8.70
N LYS A 86 29.58 16.47 9.68
CA LYS A 86 30.03 17.06 10.98
C LYS A 86 30.75 16.02 11.85
N PHE A 87 30.60 14.73 11.58
CA PHE A 87 31.29 13.68 12.35
C PHE A 87 32.68 13.41 11.76
N LYS A 88 33.67 13.25 12.65
CA LYS A 88 35.00 12.71 12.28
C LYS A 88 34.87 11.21 11.99
N SER A 89 34.04 10.48 12.73
CA SER A 89 33.80 9.03 12.51
C SER A 89 32.87 8.85 11.31
N ASP A 90 33.05 7.73 10.61
CA ASP A 90 32.10 7.27 9.56
C ASP A 90 31.33 6.04 10.06
N LYS A 91 31.40 5.74 11.38
CA LYS A 91 30.74 4.55 11.95
C LYS A 91 29.43 5.00 12.58
N LEU A 92 28.50 5.38 11.70
CA LEU A 92 27.18 5.98 12.02
C LEU A 92 26.08 4.99 11.64
N PHE A 93 25.33 4.53 12.62
CA PHE A 93 24.30 3.48 12.42
C PHE A 93 22.98 3.88 13.07
N ASN A 94 21.94 3.31 12.49
CA ASN A 94 20.54 3.58 12.91
C ASN A 94 19.75 2.28 12.79
N MET A 95 18.88 2.05 13.75
CA MET A 95 17.82 1.03 13.68
C MET A 95 16.51 1.78 13.39
N HIS A 96 15.93 1.52 12.23
CA HIS A 96 14.66 2.10 11.75
C HIS A 96 13.55 1.05 11.86
N PHE A 97 12.41 1.43 12.39
CA PHE A 97 11.25 0.53 12.62
C PHE A 97 10.32 0.49 11.40
N SER A 98 10.86 0.05 10.27
CA SER A 98 10.10 -0.38 9.05
C SER A 98 10.91 -1.43 8.28
N ALA A 99 10.26 -2.02 7.31
CA ALA A 99 10.87 -2.92 6.30
C ALA A 99 11.41 -2.04 5.15
N LEU A 100 12.53 -1.33 5.37
CA LEU A 100 13.09 -0.41 4.36
C LEU A 100 13.31 -1.20 3.06
N PRO A 101 13.07 -0.58 1.88
CA PRO A 101 12.86 0.86 1.74
C PRO A 101 11.47 1.44 2.05
N LYS A 102 10.51 0.61 2.44
CA LYS A 102 9.12 1.02 2.67
C LYS A 102 9.06 1.79 4.00
N TYR A 103 8.18 2.78 4.11
CA TYR A 103 7.81 3.46 5.40
C TYR A 103 9.05 4.04 6.08
N LYS A 104 9.83 4.78 5.29
CA LYS A 104 10.77 5.78 5.83
C LYS A 104 9.92 6.83 6.57
N GLY A 105 10.56 7.65 7.40
CA GLY A 105 9.84 8.76 8.04
C GLY A 105 9.35 8.34 9.40
N VAL A 106 8.15 8.77 9.80
CA VAL A 106 7.73 8.69 11.22
C VAL A 106 6.43 7.93 11.32
N PHE A 107 6.00 7.68 12.55
CA PHE A 107 4.71 7.05 12.89
C PHE A 107 4.66 5.65 12.28
N THR A 108 5.78 4.91 12.24
CA THR A 108 5.88 3.64 11.47
C THR A 108 5.07 2.51 12.14
N SER A 109 4.51 2.75 13.32
CA SER A 109 3.59 1.82 14.01
C SER A 109 2.15 2.07 13.54
N ILE A 110 1.89 3.22 12.91
CA ILE A 110 0.60 3.59 12.30
C ILE A 110 0.60 3.28 10.78
N THR A 111 1.59 3.76 10.05
CA THR A 111 1.53 3.89 8.56
C THR A 111 1.37 2.53 7.87
N PRO A 112 2.09 1.47 8.24
CA PRO A 112 1.91 0.17 7.59
C PRO A 112 0.49 -0.39 7.85
N ILE A 113 -0.05 -0.20 9.05
CA ILE A 113 -1.42 -0.70 9.37
C ILE A 113 -2.42 0.11 8.55
N LEU A 114 -2.34 1.44 8.63
CA LEU A 114 -3.22 2.35 7.89
C LEU A 114 -3.14 2.08 6.38
N ASN A 115 -2.00 1.56 5.87
CA ASN A 115 -1.80 1.31 4.41
C ASN A 115 -1.91 -0.19 4.10
N ASN A 116 -2.64 -0.94 4.93
CA ASN A 116 -3.16 -2.29 4.62
C ASN A 116 -2.04 -3.32 4.50
N GLU A 117 -0.92 -3.13 5.18
CA GLU A 117 0.19 -4.14 5.18
C GLU A 117 -0.17 -5.32 6.08
N VAL A 118 0.41 -6.48 5.86
CA VAL A 118 0.29 -7.66 6.75
C VAL A 118 1.66 -8.04 7.30
N GLU A 119 2.71 -7.31 6.92
CA GLU A 119 4.08 -7.42 7.49
C GLU A 119 4.67 -6.03 7.73
N SER A 120 5.60 -5.94 8.67
CA SER A 120 6.57 -4.84 8.80
C SER A 120 7.95 -5.43 9.11
N GLY A 121 8.84 -4.61 9.64
CA GLY A 121 10.24 -4.99 9.74
C GLY A 121 11.02 -4.04 10.61
N VAL A 122 12.22 -4.43 10.99
CA VAL A 122 13.20 -3.51 11.60
C VAL A 122 14.41 -3.57 10.68
N THR A 123 15.05 -2.43 10.46
CA THR A 123 16.22 -2.33 9.54
C THR A 123 17.37 -1.61 10.20
N LEU A 124 18.53 -2.29 10.22
CA LEU A 124 19.82 -1.70 10.66
C LEU A 124 20.50 -1.18 9.40
N HIS A 125 20.79 0.11 9.37
CA HIS A 125 21.35 0.76 8.16
C HIS A 125 22.42 1.79 8.58
N CYS A 126 23.34 2.07 7.67
CA CYS A 126 24.29 3.21 7.79
C CYS A 126 23.49 4.51 7.83
N ILE A 127 23.86 5.46 8.68
CA ILE A 127 23.27 6.82 8.58
C ILE A 127 23.91 7.52 7.39
N ASP A 128 23.10 8.08 6.49
CA ASP A 128 23.55 9.13 5.53
C ASP A 128 22.69 10.35 5.83
N ASN A 129 22.77 11.39 5.01
CA ASN A 129 22.16 12.70 5.36
C ASN A 129 20.65 12.66 5.10
N GLY A 130 20.13 11.66 4.38
CA GLY A 130 18.67 11.56 4.16
C GLY A 130 17.95 10.89 5.32
N ILE A 131 16.62 10.98 5.32
CA ILE A 131 15.75 10.38 6.36
C ILE A 131 15.57 8.92 5.95
N ASP A 132 16.31 8.04 6.62
CA ASP A 132 16.15 6.56 6.59
C ASP A 132 16.53 6.02 5.22
N THR A 133 17.50 6.67 4.57
CA THR A 133 17.91 6.47 3.15
C THR A 133 19.20 5.67 3.05
N GLY A 134 19.96 5.58 4.14
CA GLY A 134 21.29 4.95 4.16
C GLY A 134 21.29 3.47 3.89
N ASN A 135 22.48 2.93 3.53
CA ASN A 135 22.62 1.54 3.00
C ASN A 135 22.29 0.53 4.12
N ILE A 136 21.61 -0.55 3.75
CA ILE A 136 21.12 -1.56 4.71
C ILE A 136 22.25 -2.54 5.08
N ILE A 137 22.39 -2.81 6.38
CA ILE A 137 23.33 -3.81 6.95
C ILE A 137 22.54 -5.10 7.20
N ASP A 138 21.35 -5.00 7.79
CA ASP A 138 20.55 -6.21 8.09
C ASP A 138 19.06 -5.83 8.25
N GLN A 139 18.16 -6.78 8.07
CA GLN A 139 16.72 -6.47 8.16
C GLN A 139 16.02 -7.70 8.73
N TYR A 140 14.96 -7.50 9.52
CA TYR A 140 14.14 -8.61 10.00
C TYR A 140 12.67 -8.26 9.75
N ILE A 141 12.02 -9.05 8.89
CA ILE A 141 10.59 -8.88 8.54
C ILE A 141 9.72 -9.85 9.35
N PHE A 142 8.63 -9.34 9.91
CA PHE A 142 7.71 -10.08 10.79
C PHE A 142 6.28 -9.72 10.44
N PRO A 143 5.31 -10.61 10.77
CA PRO A 143 3.90 -10.36 10.55
C PRO A 143 3.28 -9.26 11.44
N ILE A 144 2.42 -8.44 10.85
CA ILE A 144 1.35 -7.69 11.55
C ILE A 144 0.19 -8.69 11.71
N ASN A 145 -0.17 -9.01 12.95
CA ASN A 145 -1.31 -9.92 13.25
C ASN A 145 -2.60 -9.13 13.01
N ILE A 146 -3.65 -9.81 12.55
CA ILE A 146 -4.87 -9.16 12.00
C ILE A 146 -5.44 -8.19 13.03
N ASN A 147 -5.35 -8.48 14.33
CA ASN A 147 -5.90 -7.56 15.37
C ASN A 147 -4.80 -6.79 16.13
N ASP A 148 -3.56 -6.72 15.61
CA ASP A 148 -2.52 -5.87 16.25
C ASP A 148 -3.01 -4.42 16.19
N THR A 149 -2.78 -3.67 17.26
CA THR A 149 -2.84 -2.19 17.28
C THR A 149 -1.47 -1.61 16.94
N ALA A 150 -1.40 -0.29 16.72
CA ALA A 150 -0.14 0.44 16.58
C ALA A 150 0.74 0.13 17.79
N ARG A 151 0.13 0.07 18.99
CA ARG A 151 0.85 -0.21 20.26
C ARG A 151 1.51 -1.58 20.20
N ASP A 152 0.76 -2.64 19.84
CA ASP A 152 1.33 -4.01 19.62
C ASP A 152 2.48 -3.94 18.62
N LEU A 153 2.30 -3.19 17.52
CA LEU A 153 3.29 -3.17 16.44
C LEU A 153 4.57 -2.52 16.99
N TYR A 154 4.42 -1.43 17.73
CA TYR A 154 5.55 -0.68 18.34
C TYR A 154 6.35 -1.59 19.29
N PHE A 155 5.66 -2.37 20.13
CA PHE A 155 6.33 -3.30 21.07
C PHE A 155 7.02 -4.43 20.28
N ASN A 156 6.48 -4.87 19.14
CA ASN A 156 7.21 -5.81 18.26
C ASN A 156 8.49 -5.14 17.68
N TYR A 157 8.41 -3.87 17.23
CA TYR A 157 9.58 -3.12 16.71
C TYR A 157 10.66 -3.07 17.80
N LEU A 158 10.27 -2.72 19.03
CA LEU A 158 11.19 -2.70 20.20
C LEU A 158 11.92 -4.03 20.33
N SER A 159 11.23 -5.15 20.27
CA SER A 159 11.87 -6.46 20.59
C SER A 159 12.66 -6.93 19.38
N TYR A 160 12.15 -6.80 18.16
CA TYR A 160 12.93 -7.21 16.96
C TYR A 160 14.12 -6.25 16.71
N GLY A 161 13.95 -4.96 17.02
CA GLY A 161 15.06 -3.99 16.96
C GLY A 161 16.19 -4.37 17.90
N GLU A 162 15.85 -4.73 19.14
CA GLU A 162 16.84 -5.16 20.16
C GLU A 162 17.54 -6.43 19.68
N TYR A 163 16.78 -7.38 19.16
CA TYR A 163 17.29 -8.64 18.58
C TYR A 163 18.33 -8.31 17.51
N LEU A 164 17.97 -7.40 16.59
CA LEU A 164 18.81 -7.14 15.41
C LEU A 164 20.06 -6.39 15.84
N PHE A 165 19.94 -5.50 16.83
CA PHE A 165 21.14 -4.84 17.39
C PHE A 165 22.12 -5.90 17.93
N LYS A 166 21.61 -6.86 18.71
CA LYS A 166 22.49 -7.85 19.39
C LYS A 166 23.08 -8.80 18.35
N LYS A 167 22.40 -9.01 17.24
CA LYS A 167 22.87 -9.96 16.20
C LYS A 167 24.11 -9.37 15.51
N ASN A 168 24.11 -8.05 15.32
CA ASN A 168 24.98 -7.38 14.33
C ASN A 168 26.11 -6.61 15.04
N ILE A 169 26.01 -6.38 16.35
CA ILE A 169 26.91 -5.39 17.02
C ILE A 169 28.37 -5.88 16.97
N GLN A 170 28.61 -7.18 17.05
CA GLN A 170 29.99 -7.73 17.04
C GLN A 170 30.60 -7.45 15.66
N ARG A 171 29.88 -7.74 14.59
CA ARG A 171 30.35 -7.49 13.20
C ARG A 171 30.55 -5.99 13.02
N ILE A 172 29.72 -5.15 13.63
CA ILE A 172 29.88 -3.67 13.53
C ILE A 172 31.13 -3.24 14.30
N ILE A 173 31.32 -3.75 15.52
CA ILE A 173 32.57 -3.46 16.28
C ILE A 173 33.82 -3.94 15.52
N ASN A 174 33.82 -5.08 14.83
CA ASN A 174 35.03 -5.59 14.12
C ASN A 174 35.11 -5.00 12.72
N ASN A 175 34.13 -4.18 12.32
CA ASN A 175 34.06 -3.55 10.98
C ASN A 175 34.17 -4.62 9.90
N THR A 176 33.44 -5.73 10.04
CA THR A 176 33.38 -6.84 9.04
C THR A 176 31.97 -6.93 8.43
N TYR A 177 31.09 -5.95 8.65
CA TYR A 177 29.69 -5.96 8.15
C TYR A 177 29.68 -5.54 6.68
N GLU A 178 28.74 -6.07 5.89
CA GLU A 178 28.40 -5.58 4.53
C GLU A 178 27.26 -4.55 4.61
N ASN A 179 27.14 -3.70 3.59
CA ASN A 179 26.02 -2.75 3.42
C ASN A 179 25.61 -2.77 1.94
N PHE A 180 24.32 -2.55 1.68
CA PHE A 180 23.67 -2.62 0.35
C PHE A 180 22.88 -1.33 0.16
N LYS A 181 22.93 -0.73 -1.02
CA LYS A 181 22.15 0.50 -1.33
C LYS A 181 20.68 0.11 -1.26
N GLN A 182 19.82 0.97 -0.76
CA GLN A 182 18.37 0.66 -0.75
C GLN A 182 17.90 0.79 -2.20
N ASN A 183 16.91 -0.01 -2.57
CA ASN A 183 16.18 0.09 -3.84
C ASN A 183 15.50 1.48 -3.93
N ASN A 184 15.42 2.03 -5.14
CA ASN A 184 14.62 3.23 -5.46
C ASN A 184 13.15 2.79 -5.60
N ILE A 185 12.92 1.57 -6.08
CA ILE A 185 11.54 1.02 -6.23
C ILE A 185 11.06 0.61 -4.84
N SER A 186 9.78 0.88 -4.55
CA SER A 186 9.06 0.51 -3.30
C SER A 186 9.51 1.38 -2.13
N SER A 187 10.32 2.41 -2.38
CA SER A 187 10.72 3.39 -1.34
C SER A 187 9.51 4.27 -1.05
N SER A 188 9.15 4.44 0.22
CA SER A 188 7.95 5.21 0.62
C SER A 188 8.30 5.99 1.87
N TYR A 189 7.58 7.07 2.11
CA TYR A 189 7.93 8.06 3.15
C TYR A 189 6.64 8.68 3.69
N PHE A 190 6.59 8.84 5.01
CA PHE A 190 5.50 9.54 5.71
C PHE A 190 6.10 10.48 6.75
N SER A 191 5.77 11.77 6.66
CA SER A 191 6.21 12.81 7.62
C SER A 191 5.09 13.02 8.64
N ARG A 192 5.33 13.79 9.71
CA ARG A 192 4.33 14.03 10.77
C ARG A 192 3.06 14.63 10.14
N GLN A 193 3.18 15.45 9.10
CA GLN A 193 2.02 16.15 8.48
C GLN A 193 1.16 15.16 7.68
N ASP A 194 1.68 13.98 7.36
CA ASP A 194 0.96 12.99 6.52
C ASP A 194 -0.06 12.20 7.37
N ILE A 195 0.10 12.16 8.70
CA ILE A 195 -0.84 11.45 9.63
C ILE A 195 -1.68 12.51 10.36
N ASN A 196 -3.01 12.36 10.39
CA ASN A 196 -3.86 13.13 11.34
C ASN A 196 -4.29 12.14 12.43
N ILE A 197 -3.70 12.26 13.64
CA ILE A 197 -3.97 11.36 14.82
C ILE A 197 -5.45 11.40 15.22
N ASN A 198 -6.20 12.39 14.74
CA ASN A 198 -7.69 12.42 14.85
C ASN A 198 -8.28 12.08 13.48
N HIS A 199 -7.73 11.03 12.85
CA HIS A 199 -8.23 10.41 11.60
C HIS A 199 -9.76 10.26 11.70
N LYS A 200 -10.53 10.84 10.77
CA LYS A 200 -11.98 10.55 10.64
C LYS A 200 -12.15 9.31 9.74
N ILE A 201 -12.87 8.29 10.21
CA ILE A 201 -12.96 6.97 9.54
C ILE A 201 -13.80 7.08 8.26
N ASN A 202 -13.27 6.55 7.18
CA ASN A 202 -14.00 6.36 5.92
C ASN A 202 -14.61 4.96 5.99
N PHE A 203 -15.94 4.90 6.11
CA PHE A 203 -16.74 3.65 6.14
C PHE A 203 -16.96 3.09 4.73
N LYS A 204 -16.74 3.90 3.69
CA LYS A 204 -16.91 3.47 2.27
C LYS A 204 -15.60 2.77 1.85
N LYS A 205 -15.31 1.72 2.61
CA LYS A 205 -14.03 0.97 2.62
C LYS A 205 -14.38 -0.44 3.05
N THR A 206 -13.50 -1.39 2.81
CA THR A 206 -13.71 -2.79 3.24
C THR A 206 -13.64 -2.82 4.76
N SER A 207 -14.02 -3.97 5.33
CA SER A 207 -13.97 -4.25 6.78
C SER A 207 -12.51 -4.20 7.25
N PHE A 208 -11.61 -4.88 6.57
CA PHE A 208 -10.14 -4.79 6.79
C PHE A 208 -9.74 -3.32 6.92
N GLU A 209 -10.16 -2.46 5.99
CA GLU A 209 -9.72 -1.04 5.97
C GLU A 209 -10.34 -0.21 7.09
N ILE A 210 -11.61 -0.44 7.44
CA ILE A 210 -12.27 0.30 8.57
C ILE A 210 -11.52 -0.10 9.85
N HIS A 211 -11.37 -1.40 10.08
CA HIS A 211 -10.57 -2.05 11.14
C HIS A 211 -9.17 -1.39 11.21
N ASN A 212 -8.51 -1.24 10.07
CA ASN A 212 -7.16 -0.62 9.99
C ASN A 212 -7.26 0.85 10.43
N GLN A 213 -8.28 1.56 10.00
CA GLN A 213 -8.48 2.97 10.35
C GLN A 213 -8.67 3.14 11.86
N ILE A 214 -9.18 2.13 12.56
CA ILE A 214 -9.34 2.14 14.04
C ILE A 214 -8.03 1.69 14.70
N ARG A 215 -7.56 0.49 14.39
CA ARG A 215 -6.48 -0.12 15.22
C ARG A 215 -5.12 0.59 15.00
N ALA A 216 -4.95 1.31 13.89
CA ALA A 216 -3.70 2.05 13.59
C ALA A 216 -3.51 3.19 14.58
N PHE A 217 -4.57 3.59 15.30
CA PHE A 217 -4.56 4.79 16.17
C PHE A 217 -4.74 4.40 17.65
N ILE A 218 -4.94 3.12 17.93
CA ILE A 218 -5.04 2.57 19.31
C ILE A 218 -3.63 2.47 19.90
N PHE A 219 -3.26 3.47 20.69
CA PHE A 219 -1.99 3.48 21.44
C PHE A 219 -2.20 4.36 22.67
N LYS A 220 -2.72 3.81 23.76
CA LYS A 220 -3.43 4.60 24.81
C LYS A 220 -2.51 5.69 25.37
N GLU A 221 -1.19 5.47 25.41
CA GLU A 221 -0.26 6.46 26.03
C GLU A 221 -0.30 7.72 25.19
N TYR A 222 -0.71 7.64 23.93
CA TYR A 222 -0.75 8.81 23.03
C TYR A 222 -2.21 9.21 22.80
N GLN A 223 -3.03 8.30 22.26
CA GLN A 223 -4.46 8.59 21.95
C GLN A 223 -5.20 7.26 21.75
N LEU A 224 -6.52 7.37 21.71
CA LEU A 224 -7.40 6.31 21.20
C LEU A 224 -8.25 6.93 20.09
N PRO A 225 -8.66 6.13 19.09
CA PRO A 225 -9.59 6.60 18.07
C PRO A 225 -11.00 6.70 18.69
N SER A 226 -11.88 7.47 18.06
CA SER A 226 -13.30 7.62 18.48
C SER A 226 -14.22 7.25 17.31
N ILE A 227 -15.35 6.58 17.60
CA ILE A 227 -16.55 6.50 16.71
C ILE A 227 -17.69 7.23 17.43
N ASN A 228 -18.37 8.14 16.73
CA ASN A 228 -19.48 8.97 17.29
C ASN A 228 -19.05 9.51 18.66
N LYS A 229 -17.90 10.19 18.74
CA LYS A 229 -17.34 10.84 19.96
C LYS A 229 -17.14 9.85 21.11
N THR A 230 -17.00 8.55 20.85
CA THR A 230 -16.78 7.49 21.86
C THR A 230 -15.43 6.83 21.62
N LYS A 231 -14.60 6.71 22.65
CA LYS A 231 -13.22 6.18 22.53
C LYS A 231 -13.31 4.66 22.35
N ILE A 232 -12.43 4.12 21.50
CA ILE A 232 -12.36 2.67 21.17
C ILE A 232 -11.04 2.11 21.69
N ILE A 233 -11.06 0.99 22.43
CA ILE A 233 -9.82 0.41 23.03
C ILE A 233 -9.35 -0.79 22.23
N LYS A 234 -10.23 -1.39 21.43
CA LYS A 234 -9.99 -2.71 20.78
C LYS A 234 -10.83 -2.78 19.51
N SER A 235 -10.24 -3.27 18.44
CA SER A 235 -10.93 -3.62 17.18
C SER A 235 -10.60 -5.06 16.85
N THR A 236 -11.64 -5.85 16.56
CA THR A 236 -11.53 -7.29 16.24
C THR A 236 -12.23 -7.52 14.91
N LEU A 237 -11.50 -8.05 13.93
CA LEU A 237 -12.01 -8.37 12.58
C LEU A 237 -12.09 -9.88 12.44
N THR A 238 -13.23 -10.41 12.01
CA THR A 238 -13.38 -11.84 11.62
C THR A 238 -13.85 -11.91 10.16
N ASN A 239 -13.77 -13.11 9.57
CA ASN A 239 -14.24 -13.38 8.19
C ASN A 239 -15.76 -13.70 8.19
N GLU A 240 -16.48 -13.42 9.27
CA GLU A 240 -17.93 -13.72 9.36
C GLU A 240 -18.72 -12.69 8.56
N PHE A 241 -19.54 -13.12 7.59
CA PHE A 241 -20.38 -12.19 6.79
C PHE A 241 -21.60 -11.79 7.61
N ILE A 242 -21.88 -10.50 7.77
CA ILE A 242 -23.03 -9.95 8.56
C ILE A 242 -23.83 -8.97 7.69
N GLY A 243 -23.52 -8.92 6.40
CA GLY A 243 -24.15 -7.99 5.44
C GLY A 243 -23.27 -6.79 5.18
N TYR A 244 -23.47 -6.14 4.02
CA TYR A 244 -22.65 -5.00 3.54
C TYR A 244 -23.01 -3.71 4.30
N ASN A 245 -22.01 -2.90 4.63
CA ASN A 245 -22.19 -1.50 5.09
C ASN A 245 -23.07 -1.44 6.36
N MET A 246 -22.92 -2.42 7.27
CA MET A 246 -23.59 -2.41 8.60
C MET A 246 -22.90 -1.42 9.54
N PHE A 247 -23.68 -0.89 10.47
CA PHE A 247 -23.20 -0.07 11.61
C PHE A 247 -24.28 -0.17 12.68
N GLU A 248 -23.98 -0.84 13.80
CA GLU A 248 -24.91 -1.01 14.95
C GLU A 248 -24.17 -0.64 16.22
N GLU A 249 -24.58 0.46 16.86
CA GLU A 249 -24.03 0.90 18.17
C GLU A 249 -24.81 0.19 19.27
N PHE A 250 -24.11 -0.67 20.01
CA PHE A 250 -24.57 -1.29 21.29
C PHE A 250 -24.07 -0.45 22.46
N GLU A 251 -24.45 -0.84 23.69
CA GLU A 251 -24.08 -0.12 24.94
C GLU A 251 -22.54 -0.08 25.03
N GLU A 252 -21.89 -1.24 24.91
CA GLU A 252 -20.44 -1.43 25.22
C GLU A 252 -19.57 -1.53 23.95
N TYR A 253 -20.14 -1.57 22.74
CA TYR A 253 -19.34 -1.80 21.50
C TYR A 253 -20.14 -1.40 20.25
N PHE A 254 -19.42 -1.30 19.13
CA PHE A 254 -19.99 -1.14 17.78
C PHE A 254 -19.79 -2.42 17.01
N MET A 255 -20.80 -2.82 16.24
CA MET A 255 -20.63 -3.89 15.24
C MET A 255 -20.73 -3.22 13.87
N ILE A 256 -19.63 -3.33 13.12
CA ILE A 256 -19.41 -2.61 11.85
C ILE A 256 -18.97 -3.62 10.79
N SER A 257 -19.41 -3.40 9.57
CA SER A 257 -18.88 -4.09 8.36
C SER A 257 -18.77 -3.05 7.26
N GLY A 258 -17.80 -3.23 6.37
CA GLY A 258 -17.62 -2.32 5.22
C GLY A 258 -18.22 -2.91 3.97
N ILE A 259 -17.70 -2.54 2.79
CA ILE A 259 -18.32 -2.86 1.48
C ILE A 259 -18.32 -4.37 1.24
N ASP A 260 -17.59 -5.16 2.02
CA ASP A 260 -17.44 -6.61 1.77
C ASP A 260 -18.05 -7.43 2.92
N GLY A 261 -18.58 -6.76 3.93
CA GLY A 261 -19.60 -7.34 4.85
C GLY A 261 -19.01 -8.08 6.04
N PHE A 262 -17.72 -7.91 6.33
CA PHE A 262 -17.04 -8.69 7.37
C PHE A 262 -17.18 -8.00 8.72
N LYS A 263 -17.34 -8.84 9.73
CA LYS A 263 -17.70 -8.46 11.12
C LYS A 263 -16.50 -7.75 11.79
N ILE A 264 -16.73 -6.51 12.18
CA ILE A 264 -15.82 -5.75 13.08
C ILE A 264 -16.55 -5.51 14.40
N ILE A 265 -15.89 -5.83 15.51
CA ILE A 265 -16.32 -5.36 16.86
C ILE A 265 -15.29 -4.33 17.34
N ALA A 266 -15.75 -3.11 17.51
CA ALA A 266 -14.99 -1.98 18.09
C ALA A 266 -15.46 -1.76 19.53
N GLN A 267 -14.65 -2.25 20.51
CA GLN A 267 -14.91 -2.15 21.97
C GLN A 267 -14.75 -0.70 22.45
N LYS A 268 -15.81 -0.18 23.08
CA LYS A 268 -15.83 1.17 23.69
C LYS A 268 -14.87 1.20 24.89
N TYR A 269 -14.30 2.37 25.18
CA TYR A 269 -13.38 2.63 26.32
C TYR A 269 -14.17 2.69 27.65
N ASN A 270 -13.60 2.11 28.72
CA ASN A 270 -14.12 1.99 30.11
C ASN A 270 -15.60 2.33 30.15
N MET B 1 -32.08 -19.92 -29.16
CA MET B 1 -32.13 -19.22 -27.85
C MET B 1 -30.78 -18.53 -27.56
N ILE B 2 -30.81 -17.44 -26.80
CA ILE B 2 -29.60 -16.72 -26.30
C ILE B 2 -28.98 -17.58 -25.19
N LYS B 3 -27.77 -18.07 -25.43
CA LYS B 3 -26.99 -18.90 -24.47
C LYS B 3 -26.03 -18.00 -23.67
N LEU B 4 -25.56 -16.90 -24.28
CA LEU B 4 -24.53 -16.03 -23.67
C LEU B 4 -24.76 -14.56 -24.02
N CYS B 5 -24.54 -13.71 -23.01
CA CYS B 5 -24.63 -12.25 -23.11
C CYS B 5 -23.25 -11.67 -22.77
N ILE B 6 -22.64 -10.86 -23.64
CA ILE B 6 -21.46 -10.03 -23.26
C ILE B 6 -21.98 -8.61 -22.97
N ALA B 7 -21.87 -8.19 -21.71
CA ALA B 7 -22.22 -6.83 -21.22
C ALA B 7 -20.91 -6.09 -20.91
N GLY B 8 -20.66 -4.96 -21.60
CA GLY B 8 -19.49 -4.11 -21.36
C GLY B 8 -18.96 -3.49 -22.64
N LYS B 9 -17.63 -3.32 -22.73
CA LYS B 9 -17.00 -2.47 -23.76
C LYS B 9 -15.54 -2.85 -23.95
N ASN B 10 -14.92 -2.24 -24.96
CA ASN B 10 -13.48 -2.16 -25.22
C ASN B 10 -13.02 -3.55 -25.70
N ASN B 11 -11.72 -3.71 -25.90
CA ASN B 11 -11.13 -4.83 -26.66
C ASN B 11 -11.41 -6.13 -25.90
N ILE B 12 -11.53 -6.08 -24.59
CA ILE B 12 -11.79 -7.31 -23.77
C ILE B 12 -13.18 -7.87 -24.14
N ALA B 13 -14.21 -7.02 -24.24
CA ALA B 13 -15.58 -7.47 -24.58
C ALA B 13 -15.60 -8.00 -26.03
N VAL B 14 -15.08 -7.20 -26.97
CA VAL B 14 -15.11 -7.49 -28.43
C VAL B 14 -14.35 -8.80 -28.67
N ASN B 15 -13.10 -8.88 -28.19
CA ASN B 15 -12.20 -10.03 -28.47
C ASN B 15 -12.74 -11.28 -27.76
N SER B 16 -13.36 -11.12 -26.61
CA SER B 16 -14.00 -12.25 -25.90
C SER B 16 -15.20 -12.72 -26.71
N LEU B 17 -16.00 -11.81 -27.25
CA LEU B 17 -17.17 -12.17 -28.09
C LEU B 17 -16.67 -12.91 -29.33
N GLU B 18 -15.67 -12.35 -30.01
CA GLU B 18 -14.97 -12.96 -31.16
C GLU B 18 -14.62 -14.42 -30.82
N TYR B 19 -14.02 -14.66 -29.66
CA TYR B 19 -13.54 -16.01 -29.28
C TYR B 19 -14.74 -16.95 -29.08
N ILE B 20 -15.83 -16.45 -28.50
CA ILE B 20 -17.11 -17.20 -28.31
C ILE B 20 -17.60 -17.67 -29.68
N LEU B 21 -17.78 -16.74 -30.62
CA LEU B 21 -18.32 -17.00 -31.98
C LEU B 21 -17.41 -17.96 -32.73
N LYS B 22 -16.11 -18.00 -32.44
CA LYS B 22 -15.17 -18.86 -33.19
C LYS B 22 -15.18 -20.28 -32.63
N ASN B 23 -15.59 -20.48 -31.36
CA ASN B 23 -15.27 -21.73 -30.62
C ASN B 23 -16.45 -22.29 -29.82
N HIS B 24 -17.58 -21.60 -29.66
CA HIS B 24 -18.59 -22.04 -28.66
C HIS B 24 -20.05 -21.87 -29.11
N PHE B 25 -20.43 -20.69 -29.59
CA PHE B 25 -21.84 -20.32 -29.86
C PHE B 25 -21.92 -19.69 -31.25
N LYS B 26 -23.13 -19.59 -31.78
CA LYS B 26 -23.40 -18.92 -33.08
C LYS B 26 -24.07 -17.57 -32.82
N PRO B 27 -24.04 -16.66 -33.80
CA PRO B 27 -24.58 -15.31 -33.64
C PRO B 27 -25.98 -15.26 -33.02
N ASP B 28 -26.82 -16.27 -33.31
CA ASP B 28 -28.21 -16.38 -32.79
C ASP B 28 -28.16 -16.65 -31.29
N GLN B 29 -27.12 -17.32 -30.80
CA GLN B 29 -27.02 -17.80 -29.39
C GLN B 29 -26.39 -16.75 -28.48
N VAL B 30 -26.00 -15.59 -29.01
CA VAL B 30 -25.21 -14.56 -28.26
C VAL B 30 -25.89 -13.19 -28.39
N ALA B 31 -25.84 -12.37 -27.35
CA ALA B 31 -26.33 -10.96 -27.43
C ALA B 31 -25.36 -10.04 -26.70
N VAL B 32 -25.41 -8.75 -26.99
CA VAL B 32 -24.54 -7.76 -26.29
C VAL B 32 -25.39 -6.82 -25.45
N ILE B 33 -24.86 -6.37 -24.32
CA ILE B 33 -25.35 -5.15 -23.61
C ILE B 33 -24.21 -4.13 -23.58
N PRO B 34 -24.28 -3.09 -24.43
CA PRO B 34 -23.21 -2.08 -24.49
C PRO B 34 -23.27 -1.15 -23.27
N ASN B 35 -22.18 -0.43 -23.04
CA ASN B 35 -22.11 0.66 -22.05
C ASN B 35 -22.80 1.90 -22.63
N LYS B 36 -23.30 2.78 -21.76
CA LYS B 36 -24.04 4.03 -22.11
C LYS B 36 -23.17 4.93 -22.99
N ASN B 37 -21.86 4.69 -23.04
CA ASN B 37 -20.89 5.53 -23.80
C ASN B 37 -20.47 4.84 -25.10
N ASP B 38 -21.05 3.69 -25.47
CA ASP B 38 -20.72 3.03 -26.75
C ASP B 38 -21.49 3.76 -27.86
N PHE B 39 -20.81 4.31 -28.85
CA PHE B 39 -21.44 4.99 -30.01
C PHE B 39 -20.85 4.44 -31.30
N GLY B 40 -20.69 3.12 -31.38
CA GLY B 40 -20.52 2.38 -32.64
C GLY B 40 -19.19 2.61 -33.35
N VAL B 41 -18.23 3.37 -32.79
CA VAL B 41 -16.96 3.71 -33.51
C VAL B 41 -15.76 3.16 -32.76
N ASP B 42 -14.93 2.38 -33.47
CA ASP B 42 -13.57 2.03 -33.02
C ASP B 42 -12.80 3.36 -32.82
N SER B 43 -11.95 3.44 -31.78
CA SER B 43 -10.88 4.46 -31.61
C SER B 43 -9.68 3.84 -30.92
N TRP B 44 -9.33 4.29 -29.71
CA TRP B 44 -8.19 3.74 -28.97
C TRP B 44 -8.58 2.36 -28.44
N GLN B 45 -9.88 2.07 -28.39
CA GLN B 45 -10.47 0.73 -28.13
C GLN B 45 -11.51 0.41 -29.22
N LYS B 46 -11.67 -0.87 -29.58
CA LYS B 46 -12.75 -1.31 -30.51
C LYS B 46 -14.09 -1.17 -29.81
N SER B 47 -15.13 -0.82 -30.57
CA SER B 47 -16.54 -0.65 -30.12
C SER B 47 -17.25 -1.99 -30.15
N LEU B 48 -17.95 -2.36 -29.06
CA LEU B 48 -18.76 -3.61 -29.01
C LEU B 48 -19.96 -3.49 -29.98
N LEU B 49 -20.70 -2.39 -29.94
CA LEU B 49 -21.82 -2.17 -30.88
C LEU B 49 -21.32 -2.29 -32.31
N HIS B 50 -20.14 -1.75 -32.64
CA HIS B 50 -19.58 -1.82 -34.02
C HIS B 50 -19.32 -3.28 -34.37
N TYR B 51 -18.80 -4.05 -33.42
CA TYR B 51 -18.55 -5.51 -33.61
C TYR B 51 -19.89 -6.19 -33.87
N ALA B 52 -20.91 -5.84 -33.09
CA ALA B 52 -22.27 -6.42 -33.15
C ALA B 52 -22.91 -6.10 -34.50
N PHE B 53 -22.72 -4.87 -34.99
CA PHE B 53 -23.18 -4.44 -36.34
C PHE B 53 -22.52 -5.34 -37.40
N ASN B 54 -21.20 -5.49 -37.33
CA ASN B 54 -20.40 -6.21 -38.36
C ASN B 54 -20.72 -7.72 -38.35
N ASN B 55 -21.15 -8.31 -37.24
CA ASN B 55 -21.33 -9.78 -37.10
C ASN B 55 -22.80 -10.16 -36.95
N HIS B 56 -23.71 -9.19 -37.03
CA HIS B 56 -25.18 -9.39 -36.95
C HIS B 56 -25.53 -9.99 -35.58
N ILE B 57 -25.01 -9.37 -34.51
CA ILE B 57 -25.32 -9.74 -33.10
C ILE B 57 -26.34 -8.74 -32.56
N LYS B 58 -27.41 -9.25 -31.95
CA LYS B 58 -28.51 -8.42 -31.44
C LYS B 58 -28.09 -7.81 -30.10
N VAL B 59 -28.60 -6.62 -29.86
CA VAL B 59 -28.52 -5.90 -28.57
C VAL B 59 -29.72 -6.38 -27.74
N ILE B 60 -29.51 -6.66 -26.45
CA ILE B 60 -30.63 -6.77 -25.48
C ILE B 60 -30.43 -5.72 -24.40
N THR B 61 -31.47 -5.50 -23.60
CA THR B 61 -31.42 -4.70 -22.35
C THR B 61 -31.13 -5.65 -21.18
N LEU B 62 -30.71 -5.09 -20.04
CA LEU B 62 -30.51 -5.79 -18.74
C LEU B 62 -31.80 -6.55 -18.39
N GLU B 63 -32.93 -5.83 -18.43
CA GLU B 63 -34.29 -6.32 -18.09
C GLU B 63 -34.59 -7.55 -18.94
N GLU B 64 -34.27 -7.52 -20.23
CA GLU B 64 -34.40 -8.70 -21.12
C GLU B 64 -33.53 -9.83 -20.57
N ALA B 65 -32.27 -9.56 -20.22
CA ALA B 65 -31.31 -10.59 -19.73
C ALA B 65 -31.82 -11.22 -18.42
N TYR B 66 -32.43 -10.44 -17.53
CA TYR B 66 -33.03 -10.90 -16.26
C TYR B 66 -33.93 -12.13 -16.48
N GLU B 67 -34.70 -12.14 -17.59
CA GLU B 67 -35.78 -13.14 -17.84
C GLU B 67 -35.25 -14.30 -18.67
N LEU B 68 -34.04 -14.18 -19.22
CA LEU B 68 -33.44 -15.28 -20.02
C LEU B 68 -32.90 -16.35 -19.07
N LYS B 69 -33.74 -17.34 -18.75
CA LYS B 69 -33.34 -18.56 -18.03
C LYS B 69 -32.07 -19.15 -18.62
N GLN B 70 -31.12 -19.46 -17.73
CA GLN B 70 -29.86 -20.21 -18.00
C GLN B 70 -28.97 -19.49 -19.03
N ILE B 71 -29.16 -18.19 -19.22
CA ILE B 71 -28.17 -17.34 -19.93
C ILE B 71 -26.90 -17.30 -19.09
N ILE B 72 -25.74 -17.46 -19.72
CA ILE B 72 -24.43 -17.06 -19.12
C ILE B 72 -24.29 -15.55 -19.35
N PHE B 73 -24.32 -14.76 -18.26
CA PHE B 73 -24.12 -13.30 -18.26
C PHE B 73 -22.64 -13.03 -17.93
N PHE B 74 -21.89 -12.49 -18.88
CA PHE B 74 -20.48 -12.11 -18.72
C PHE B 74 -20.36 -10.58 -18.80
N SER B 75 -20.03 -9.98 -17.65
CA SER B 75 -19.74 -8.53 -17.47
C SER B 75 -18.23 -8.33 -17.73
N LEU B 76 -17.90 -7.56 -18.75
CA LEU B 76 -16.51 -7.27 -19.17
C LEU B 76 -16.41 -5.77 -19.33
N GLU B 77 -16.12 -5.09 -18.21
CA GLU B 77 -16.07 -3.62 -18.04
C GLU B 77 -17.47 -3.02 -18.25
N PHE B 78 -18.50 -3.71 -17.77
CA PHE B 78 -19.92 -3.24 -17.80
C PHE B 78 -20.10 -2.10 -16.81
N ASP B 79 -20.88 -1.08 -17.18
CA ASP B 79 -21.02 0.19 -16.41
C ASP B 79 -22.22 0.15 -15.44
N ARG B 80 -22.86 -1.01 -15.22
CA ARG B 80 -24.10 -1.08 -14.41
C ARG B 80 -23.91 -2.06 -13.24
N ILE B 81 -24.26 -1.62 -12.03
CA ILE B 81 -24.43 -2.49 -10.83
C ILE B 81 -25.64 -3.40 -11.10
N VAL B 82 -25.51 -4.67 -10.75
CA VAL B 82 -26.47 -5.75 -11.09
C VAL B 82 -26.92 -6.39 -9.76
N LYS B 83 -28.23 -6.52 -9.54
CA LYS B 83 -28.77 -7.28 -8.37
C LYS B 83 -29.01 -8.71 -8.86
N VAL B 84 -28.43 -9.69 -8.18
CA VAL B 84 -28.44 -11.12 -8.61
C VAL B 84 -29.86 -11.69 -8.51
N GLU B 85 -30.72 -11.12 -7.66
CA GLU B 85 -32.10 -11.60 -7.42
C GLU B 85 -32.97 -11.37 -8.65
N LYS B 86 -32.71 -10.31 -9.42
CA LYS B 86 -33.49 -9.97 -10.63
C LYS B 86 -33.26 -11.02 -11.70
N PHE B 87 -32.12 -11.73 -11.68
CA PHE B 87 -31.73 -12.67 -12.75
C PHE B 87 -32.35 -14.03 -12.47
N LYS B 88 -32.97 -14.65 -13.46
CA LYS B 88 -33.43 -16.05 -13.37
C LYS B 88 -32.19 -16.93 -13.41
N SER B 89 -31.23 -16.61 -14.28
CA SER B 89 -29.92 -17.31 -14.32
C SER B 89 -29.13 -16.91 -13.07
N ASP B 90 -28.32 -17.83 -12.57
CA ASP B 90 -27.30 -17.55 -11.51
C ASP B 90 -25.91 -17.81 -12.10
N LYS B 91 -25.82 -17.86 -13.44
CA LYS B 91 -24.52 -17.99 -14.13
C LYS B 91 -24.10 -16.57 -14.53
N LEU B 92 -23.75 -15.79 -13.52
CA LEU B 92 -23.38 -14.37 -13.64
C LEU B 92 -21.90 -14.24 -13.27
N PHE B 93 -21.10 -13.71 -14.20
CA PHE B 93 -19.63 -13.62 -14.12
C PHE B 93 -19.15 -12.25 -14.56
N ASN B 94 -18.04 -11.86 -13.96
CA ASN B 94 -17.38 -10.56 -14.09
C ASN B 94 -15.88 -10.77 -14.12
N MET B 95 -15.20 -10.06 -15.01
CA MET B 95 -13.75 -9.88 -15.00
C MET B 95 -13.47 -8.52 -14.37
N HIS B 96 -12.88 -8.53 -13.17
CA HIS B 96 -12.44 -7.30 -12.46
C HIS B 96 -10.93 -7.08 -12.66
N PHE B 97 -10.54 -5.83 -12.87
CA PHE B 97 -9.15 -5.40 -13.19
C PHE B 97 -8.42 -5.08 -11.88
N SER B 98 -8.24 -6.09 -11.05
CA SER B 98 -7.33 -6.09 -9.87
C SER B 98 -7.00 -7.52 -9.45
N ALA B 99 -6.00 -7.64 -8.59
CA ALA B 99 -5.67 -8.88 -7.86
C ALA B 99 -6.58 -8.95 -6.63
N LEU B 100 -7.84 -9.32 -6.81
CA LEU B 100 -8.74 -9.43 -5.63
C LEU B 100 -8.11 -10.33 -4.59
N PRO B 101 -8.30 -10.07 -3.30
CA PRO B 101 -9.27 -9.07 -2.82
C PRO B 101 -8.89 -7.58 -2.81
N LYS B 102 -7.67 -7.26 -3.22
CA LYS B 102 -7.15 -5.86 -3.25
C LYS B 102 -7.88 -5.10 -4.35
N TYR B 103 -8.11 -3.81 -4.12
CA TYR B 103 -8.43 -2.81 -5.17
C TYR B 103 -9.79 -3.22 -5.80
N LYS B 104 -10.73 -3.59 -4.95
CA LYS B 104 -12.17 -3.57 -5.31
C LYS B 104 -12.51 -2.14 -5.72
N GLY B 105 -13.60 -1.96 -6.45
CA GLY B 105 -14.09 -0.62 -6.83
C GLY B 105 -13.52 -0.13 -8.15
N VAL B 106 -13.23 1.15 -8.24
CA VAL B 106 -13.05 1.84 -9.55
C VAL B 106 -11.62 2.34 -9.69
N PHE B 107 -11.31 2.84 -10.88
CA PHE B 107 -10.03 3.47 -11.24
C PHE B 107 -8.91 2.53 -10.84
N THR B 108 -9.03 1.25 -11.11
CA THR B 108 -8.00 0.26 -10.70
C THR B 108 -6.71 0.36 -11.54
N SER B 109 -6.69 1.19 -12.59
CA SER B 109 -5.48 1.52 -13.37
C SER B 109 -4.74 2.66 -12.66
N ILE B 110 -5.39 3.34 -11.72
CA ILE B 110 -4.80 4.48 -10.95
C ILE B 110 -4.42 4.03 -9.54
N THR B 111 -5.32 3.35 -8.83
CA THR B 111 -5.22 3.10 -7.37
C THR B 111 -4.00 2.25 -7.01
N PRO B 112 -3.63 1.13 -7.71
CA PRO B 112 -2.42 0.41 -7.32
C PRO B 112 -1.12 1.20 -7.55
N ILE B 113 -1.06 2.01 -8.60
CA ILE B 113 0.14 2.84 -8.83
C ILE B 113 0.27 3.87 -7.71
N LEU B 114 -0.82 4.54 -7.42
CA LEU B 114 -0.88 5.60 -6.39
C LEU B 114 -0.59 5.01 -5.00
N ASN B 115 -0.89 3.73 -4.77
CA ASN B 115 -0.66 3.11 -3.45
C ASN B 115 0.60 2.24 -3.50
N ASN B 116 1.51 2.54 -4.41
CA ASN B 116 2.92 2.06 -4.41
C ASN B 116 3.04 0.57 -4.70
N GLU B 117 2.10 -0.01 -5.45
CA GLU B 117 2.21 -1.45 -5.82
C GLU B 117 3.22 -1.62 -6.97
N VAL B 118 3.78 -2.82 -7.09
CA VAL B 118 4.64 -3.26 -8.23
C VAL B 118 4.02 -4.47 -8.91
N GLU B 119 2.83 -4.87 -8.48
CA GLU B 119 2.02 -5.94 -9.09
C GLU B 119 0.56 -5.50 -9.13
N SER B 120 -0.18 -6.01 -10.11
CA SER B 120 -1.66 -6.01 -10.09
C SER B 120 -2.13 -7.33 -10.67
N GLY B 121 -3.37 -7.40 -11.11
CA GLY B 121 -3.89 -8.65 -11.68
C GLY B 121 -5.25 -8.43 -12.31
N VAL B 122 -5.74 -9.51 -12.91
CA VAL B 122 -7.14 -9.60 -13.41
C VAL B 122 -7.72 -10.82 -12.71
N THR B 123 -8.96 -10.68 -12.27
CA THR B 123 -9.71 -11.70 -11.52
C THR B 123 -11.09 -11.91 -12.16
N LEU B 124 -11.31 -13.13 -12.61
CA LEU B 124 -12.62 -13.65 -13.04
C LEU B 124 -13.36 -14.14 -11.79
N HIS B 125 -14.52 -13.55 -11.47
CA HIS B 125 -15.29 -13.94 -10.26
C HIS B 125 -16.77 -14.09 -10.58
N CYS B 126 -17.48 -14.76 -9.68
CA CYS B 126 -18.96 -14.83 -9.60
C CYS B 126 -19.47 -13.45 -9.22
N ILE B 127 -20.54 -12.94 -9.85
CA ILE B 127 -21.15 -11.68 -9.39
C ILE B 127 -22.01 -12.04 -8.18
N ASP B 128 -21.87 -11.31 -7.08
CA ASP B 128 -22.84 -11.29 -5.96
C ASP B 128 -23.30 -9.84 -5.85
N ASN B 129 -24.06 -9.48 -4.83
CA ASN B 129 -24.68 -8.13 -4.77
C ASN B 129 -23.71 -7.07 -4.26
N GLY B 130 -22.54 -7.44 -3.75
CA GLY B 130 -21.56 -6.42 -3.32
C GLY B 130 -20.65 -6.00 -4.47
N ILE B 131 -19.82 -4.98 -4.26
CA ILE B 131 -18.95 -4.47 -5.35
C ILE B 131 -17.66 -5.28 -5.40
N ASP B 132 -17.56 -6.22 -6.35
CA ASP B 132 -16.32 -6.97 -6.64
C ASP B 132 -16.01 -7.91 -5.48
N THR B 133 -17.05 -8.36 -4.76
CA THR B 133 -16.93 -9.16 -3.53
C THR B 133 -17.12 -10.64 -3.80
N GLY B 134 -17.60 -11.01 -4.99
CA GLY B 134 -18.00 -12.38 -5.33
C GLY B 134 -16.84 -13.34 -5.36
N ASN B 135 -17.16 -14.64 -5.39
CA ASN B 135 -16.20 -15.76 -5.27
C ASN B 135 -15.32 -15.82 -6.52
N ILE B 136 -14.02 -16.00 -6.29
CA ILE B 136 -12.98 -15.95 -7.36
C ILE B 136 -12.97 -17.31 -8.09
N ILE B 137 -13.02 -17.27 -9.41
CA ILE B 137 -12.89 -18.48 -10.26
C ILE B 137 -11.42 -18.60 -10.67
N ASP B 138 -10.80 -17.51 -11.11
CA ASP B 138 -9.39 -17.55 -11.56
C ASP B 138 -8.77 -16.15 -11.42
N GLN B 139 -7.45 -16.09 -11.55
CA GLN B 139 -6.67 -14.83 -11.34
C GLN B 139 -5.33 -14.95 -12.04
N TYR B 140 -4.90 -13.87 -12.69
CA TYR B 140 -3.54 -13.74 -13.26
C TYR B 140 -2.93 -12.49 -12.64
N ILE B 141 -1.83 -12.69 -11.92
CA ILE B 141 -1.03 -11.60 -11.29
C ILE B 141 0.11 -11.28 -12.26
N PHE B 142 0.40 -10.00 -12.45
CA PHE B 142 1.39 -9.57 -13.44
C PHE B 142 2.09 -8.34 -12.89
N PRO B 143 3.31 -8.03 -13.36
CA PRO B 143 4.02 -6.86 -12.85
C PRO B 143 3.39 -5.54 -13.31
N ILE B 144 3.40 -4.54 -12.41
CA ILE B 144 3.39 -3.11 -12.81
C ILE B 144 4.86 -2.76 -13.12
N ASN B 145 5.17 -2.45 -14.39
CA ASN B 145 6.53 -2.06 -14.86
C ASN B 145 6.79 -0.69 -14.26
N ILE B 146 8.05 -0.39 -13.97
CA ILE B 146 8.39 0.78 -13.15
C ILE B 146 7.90 2.09 -13.79
N ASN B 147 7.93 2.21 -15.12
CA ASN B 147 7.53 3.45 -15.83
C ASN B 147 6.16 3.31 -16.50
N ASP B 148 5.40 2.23 -16.21
CA ASP B 148 4.01 2.08 -16.70
C ASP B 148 3.21 3.31 -16.28
N THR B 149 2.40 3.83 -17.18
CA THR B 149 1.36 4.84 -16.84
C THR B 149 0.07 4.10 -16.49
N ALA B 150 -0.94 4.83 -16.01
CA ALA B 150 -2.29 4.25 -15.79
C ALA B 150 -2.79 3.65 -17.10
N ARG B 151 -2.53 4.30 -18.23
CA ARG B 151 -2.96 3.79 -19.56
C ARG B 151 -2.24 2.45 -19.88
N ASP B 152 -0.93 2.36 -19.67
CA ASP B 152 -0.21 1.09 -19.91
C ASP B 152 -0.82 -0.03 -19.07
N LEU B 153 -1.05 0.23 -17.79
CA LEU B 153 -1.61 -0.76 -16.84
C LEU B 153 -3.01 -1.17 -17.34
N TYR B 154 -3.81 -0.21 -17.75
CA TYR B 154 -5.16 -0.50 -18.29
C TYR B 154 -5.04 -1.44 -19.50
N PHE B 155 -4.14 -1.15 -20.43
CA PHE B 155 -3.92 -2.00 -21.63
C PHE B 155 -3.51 -3.41 -21.20
N ASN B 156 -2.70 -3.53 -20.15
CA ASN B 156 -2.27 -4.87 -19.66
C ASN B 156 -3.50 -5.58 -19.08
N TYR B 157 -4.37 -4.85 -18.35
CA TYR B 157 -5.65 -5.43 -17.84
C TYR B 157 -6.44 -6.01 -19.02
N LEU B 158 -6.62 -5.22 -20.08
CA LEU B 158 -7.45 -5.66 -21.25
C LEU B 158 -6.87 -6.98 -21.78
N SER B 159 -5.55 -7.04 -21.94
CA SER B 159 -4.83 -8.17 -22.57
C SER B 159 -4.88 -9.41 -21.65
N TYR B 160 -4.48 -9.29 -20.40
CA TYR B 160 -4.51 -10.44 -19.44
C TYR B 160 -5.96 -10.86 -19.16
N GLY B 161 -6.90 -9.91 -19.11
CA GLY B 161 -8.33 -10.23 -18.89
C GLY B 161 -8.89 -11.06 -20.04
N GLU B 162 -8.57 -10.70 -21.28
CA GLU B 162 -8.95 -11.50 -22.48
C GLU B 162 -8.37 -12.91 -22.34
N TYR B 163 -7.09 -13.03 -22.00
CA TYR B 163 -6.42 -14.34 -21.82
C TYR B 163 -7.16 -15.14 -20.73
N LEU B 164 -7.52 -14.53 -19.60
CA LEU B 164 -8.13 -15.25 -18.46
C LEU B 164 -9.52 -15.75 -18.86
N PHE B 165 -10.29 -14.92 -19.58
CA PHE B 165 -11.62 -15.28 -20.13
C PHE B 165 -11.48 -16.51 -21.04
N LYS B 166 -10.60 -16.43 -22.03
CA LYS B 166 -10.35 -17.53 -22.98
C LYS B 166 -9.99 -18.81 -22.21
N LYS B 167 -9.08 -18.70 -21.24
CA LYS B 167 -8.61 -19.86 -20.43
C LYS B 167 -9.79 -20.52 -19.70
N ASN B 168 -10.79 -19.75 -19.27
CA ASN B 168 -11.77 -20.24 -18.28
C ASN B 168 -13.13 -20.54 -18.93
N ILE B 169 -13.36 -20.08 -20.15
CA ILE B 169 -14.73 -20.04 -20.72
C ILE B 169 -15.28 -21.47 -20.88
N GLN B 170 -14.43 -22.45 -21.24
CA GLN B 170 -14.89 -23.83 -21.50
C GLN B 170 -15.50 -24.42 -20.23
N ARG B 171 -14.80 -24.31 -19.10
CA ARG B 171 -15.29 -24.84 -17.79
C ARG B 171 -16.50 -24.03 -17.31
N ILE B 172 -16.64 -22.76 -17.72
CA ILE B 172 -17.82 -21.92 -17.35
C ILE B 172 -19.03 -22.42 -18.14
N ILE B 173 -18.85 -22.65 -19.44
CA ILE B 173 -19.92 -23.20 -20.32
C ILE B 173 -20.33 -24.57 -19.76
N ASN B 174 -19.36 -25.47 -19.54
CA ASN B 174 -19.54 -26.86 -19.03
C ASN B 174 -20.00 -26.87 -17.57
N ASN B 175 -19.85 -25.75 -16.85
CA ASN B 175 -20.32 -25.64 -15.45
C ASN B 175 -19.52 -26.59 -14.56
N THR B 176 -18.25 -26.83 -14.91
CA THR B 176 -17.22 -27.59 -14.14
C THR B 176 -16.13 -26.65 -13.57
N TYR B 177 -16.46 -25.38 -13.30
CA TYR B 177 -15.50 -24.38 -12.75
C TYR B 177 -15.61 -24.41 -11.22
N GLU B 178 -14.49 -24.18 -10.53
CA GLU B 178 -14.50 -23.97 -9.05
C GLU B 178 -14.60 -22.47 -8.78
N ASN B 179 -15.07 -22.12 -7.58
CA ASN B 179 -15.03 -20.73 -7.05
C ASN B 179 -14.69 -20.79 -5.55
N PHE B 180 -14.03 -19.77 -5.02
CA PHE B 180 -13.57 -19.69 -3.61
C PHE B 180 -13.99 -18.34 -3.02
N LYS B 181 -14.43 -18.35 -1.76
CA LYS B 181 -14.65 -17.13 -0.94
C LYS B 181 -13.40 -16.26 -1.02
N GLN B 182 -13.57 -14.97 -1.25
CA GLN B 182 -12.47 -13.96 -1.12
C GLN B 182 -12.11 -13.83 0.36
N ASN B 183 -10.83 -13.75 0.68
CA ASN B 183 -10.33 -13.51 2.05
C ASN B 183 -10.86 -12.16 2.52
N ASN B 184 -11.09 -12.00 3.81
CA ASN B 184 -11.38 -10.66 4.41
C ASN B 184 -10.07 -9.89 4.60
N ILE B 185 -8.96 -10.57 4.88
CA ILE B 185 -7.62 -9.92 5.03
C ILE B 185 -7.09 -9.47 3.67
N SER B 186 -6.63 -8.21 3.58
CA SER B 186 -5.98 -7.55 2.41
C SER B 186 -7.04 -7.09 1.40
N SER B 187 -8.30 -7.17 1.80
CA SER B 187 -9.45 -6.65 1.01
C SER B 187 -9.37 -5.13 1.06
N SER B 188 -9.34 -4.49 -0.10
CA SER B 188 -9.29 -3.02 -0.19
C SER B 188 -10.25 -2.54 -1.30
N TYR B 189 -10.73 -1.30 -1.17
CA TYR B 189 -11.78 -0.74 -2.05
C TYR B 189 -11.51 0.75 -2.22
N PHE B 190 -11.68 1.24 -3.45
CA PHE B 190 -11.65 2.67 -3.80
C PHE B 190 -12.91 3.00 -4.60
N SER B 191 -13.70 3.93 -4.07
CA SER B 191 -14.85 4.56 -4.76
C SER B 191 -14.32 5.76 -5.54
N ARG B 192 -15.16 6.32 -6.40
CA ARG B 192 -14.80 7.43 -7.29
C ARG B 192 -14.38 8.62 -6.42
N GLN B 193 -15.08 8.85 -5.30
CA GLN B 193 -14.81 9.94 -4.31
C GLN B 193 -13.38 9.87 -3.77
N ASP B 194 -12.75 8.70 -3.81
CA ASP B 194 -11.43 8.47 -3.15
C ASP B 194 -10.31 8.91 -4.10
N ILE B 195 -10.62 9.29 -5.34
CA ILE B 195 -9.58 9.74 -6.32
C ILE B 195 -9.84 11.20 -6.66
N ASN B 196 -8.86 12.06 -6.45
CA ASN B 196 -8.88 13.43 -7.02
C ASN B 196 -7.96 13.40 -8.24
N ILE B 197 -8.54 13.44 -9.45
CA ILE B 197 -7.76 13.47 -10.72
C ILE B 197 -6.82 14.68 -10.68
N ASN B 198 -7.25 15.79 -10.07
CA ASN B 198 -6.48 17.05 -10.07
C ASN B 198 -5.64 17.14 -8.79
N HIS B 199 -5.22 16.03 -8.20
CA HIS B 199 -4.58 16.14 -6.85
C HIS B 199 -3.22 16.81 -6.98
N LYS B 200 -3.01 17.81 -6.13
CA LYS B 200 -1.71 18.46 -5.85
C LYS B 200 -0.71 17.34 -5.57
N ILE B 201 0.42 17.35 -6.26
CA ILE B 201 1.54 16.42 -5.96
C ILE B 201 2.16 16.80 -4.61
N ASN B 202 2.36 15.81 -3.74
CA ASN B 202 3.17 15.94 -2.51
C ASN B 202 4.63 15.63 -2.86
N PHE B 203 5.49 16.65 -2.94
CA PHE B 203 6.95 16.48 -3.25
C PHE B 203 7.73 16.01 -2.00
N LYS B 204 7.15 16.09 -0.81
CA LYS B 204 7.81 15.61 0.45
C LYS B 204 7.55 14.11 0.53
N LYS B 205 8.00 13.43 -0.51
CA LYS B 205 7.76 11.99 -0.74
C LYS B 205 9.01 11.43 -1.41
N THR B 206 9.12 10.11 -1.53
CA THR B 206 10.24 9.47 -2.28
C THR B 206 10.06 9.75 -3.76
N SER B 207 11.17 9.64 -4.49
CA SER B 207 11.18 9.64 -5.97
C SER B 207 10.14 8.65 -6.52
N PHE B 208 10.12 7.42 -6.00
CA PHE B 208 9.12 6.40 -6.41
C PHE B 208 7.71 6.98 -6.26
N GLU B 209 7.42 7.60 -5.10
CA GLU B 209 6.07 8.16 -4.81
C GLU B 209 5.75 9.40 -5.66
N ILE B 210 6.71 10.29 -5.91
CA ILE B 210 6.44 11.48 -6.77
C ILE B 210 6.12 10.96 -8.18
N HIS B 211 6.97 10.07 -8.70
CA HIS B 211 6.80 9.37 -9.99
C HIS B 211 5.41 8.72 -10.08
N ASN B 212 5.00 7.99 -9.05
CA ASN B 212 3.65 7.36 -8.95
C ASN B 212 2.54 8.43 -9.02
N GLN B 213 2.69 9.53 -8.30
CA GLN B 213 1.66 10.60 -8.24
C GLN B 213 1.53 11.27 -9.63
N ILE B 214 2.56 11.19 -10.46
CA ILE B 214 2.49 11.70 -11.86
C ILE B 214 1.89 10.62 -12.75
N ARG B 215 2.50 9.44 -12.80
CA ARG B 215 2.17 8.42 -13.83
C ARG B 215 0.81 7.78 -13.56
N ALA B 216 0.31 7.76 -12.33
CA ALA B 216 -1.01 7.16 -12.03
C ALA B 216 -2.08 7.90 -12.84
N PHE B 217 -1.81 9.14 -13.25
CA PHE B 217 -2.80 10.04 -13.90
C PHE B 217 -2.46 10.26 -15.37
N ILE B 218 -1.42 9.61 -15.91
CA ILE B 218 -1.11 9.75 -17.37
C ILE B 218 -2.00 8.75 -18.12
N PHE B 219 -3.06 9.27 -18.74
CA PHE B 219 -4.01 8.48 -19.55
C PHE B 219 -4.71 9.45 -20.51
N LYS B 220 -4.01 9.78 -21.60
CA LYS B 220 -4.28 10.99 -22.43
C LYS B 220 -5.75 11.07 -22.88
N GLU B 221 -6.45 9.95 -23.10
CA GLU B 221 -7.86 9.99 -23.55
C GLU B 221 -8.72 10.59 -22.44
N TYR B 222 -8.26 10.57 -21.20
CA TYR B 222 -9.03 11.07 -20.05
C TYR B 222 -8.37 12.35 -19.56
N GLN B 223 -7.10 12.30 -19.14
CA GLN B 223 -6.35 13.50 -18.69
C GLN B 223 -4.85 13.22 -18.67
N LEU B 224 -4.07 14.28 -18.56
CA LEU B 224 -2.62 14.25 -18.18
C LEU B 224 -2.48 15.09 -16.93
N PRO B 225 -1.56 14.75 -16.00
CA PRO B 225 -1.31 15.58 -14.84
C PRO B 225 -0.47 16.78 -15.29
N SER B 226 -0.34 17.78 -14.41
CA SER B 226 0.42 19.02 -14.67
C SER B 226 1.42 19.25 -13.54
N ILE B 227 2.62 19.76 -13.87
CA ILE B 227 3.57 20.39 -12.93
C ILE B 227 3.86 21.81 -13.42
N ASN B 228 3.79 22.81 -12.54
CA ASN B 228 3.88 24.24 -12.94
C ASN B 228 3.04 24.48 -14.19
N LYS B 229 1.77 24.04 -14.19
CA LYS B 229 0.74 24.32 -15.23
C LYS B 229 1.19 23.76 -16.59
N THR B 230 2.06 22.75 -16.61
CA THR B 230 2.49 22.08 -17.86
C THR B 230 2.13 20.59 -17.79
N LYS B 231 1.52 20.08 -18.86
CA LYS B 231 1.06 18.69 -18.92
C LYS B 231 2.27 17.77 -19.04
N ILE B 232 2.20 16.60 -18.40
CA ILE B 232 3.26 15.55 -18.42
C ILE B 232 2.73 14.35 -19.20
N ILE B 233 3.52 13.88 -20.18
CA ILE B 233 3.16 12.73 -21.07
C ILE B 233 3.85 11.45 -20.59
N LYS B 234 4.92 11.54 -19.84
CA LYS B 234 5.70 10.33 -19.41
C LYS B 234 6.54 10.71 -18.19
N SER B 235 6.65 9.81 -17.23
CA SER B 235 7.58 9.93 -16.08
C SER B 235 8.52 8.73 -16.08
N THR B 236 9.82 8.97 -15.95
CA THR B 236 10.84 7.91 -15.87
C THR B 236 11.56 7.98 -14.51
N LEU B 237 11.50 6.90 -13.73
CA LEU B 237 12.22 6.78 -12.45
C LEU B 237 13.56 6.09 -12.73
N THR B 238 14.66 6.76 -12.43
CA THR B 238 16.04 6.22 -12.55
C THR B 238 16.50 5.85 -11.15
N ASN B 239 17.57 5.09 -11.04
CA ASN B 239 18.27 4.78 -9.77
C ASN B 239 19.49 5.69 -9.60
N GLU B 240 19.57 6.79 -10.33
CA GLU B 240 20.69 7.75 -10.22
C GLU B 240 20.43 8.72 -9.07
N PHE B 241 21.32 8.77 -8.10
CA PHE B 241 21.27 9.72 -6.96
C PHE B 241 21.74 11.11 -7.43
N ILE B 242 20.88 12.13 -7.37
CA ILE B 242 21.23 13.52 -7.78
C ILE B 242 21.14 14.48 -6.58
N GLY B 243 20.92 13.99 -5.36
CA GLY B 243 20.68 14.86 -4.20
C GLY B 243 19.23 14.82 -3.78
N TYR B 244 18.95 15.12 -2.50
CA TYR B 244 17.60 15.08 -1.90
C TYR B 244 16.80 16.27 -2.42
N ASN B 245 15.52 16.04 -2.70
CA ASN B 245 14.52 17.13 -2.86
C ASN B 245 14.97 18.12 -3.94
N MET B 246 15.31 17.63 -5.12
CA MET B 246 15.70 18.48 -6.27
C MET B 246 14.47 18.73 -7.13
N PHE B 247 14.48 19.89 -7.80
CA PHE B 247 13.44 20.29 -8.77
C PHE B 247 14.05 21.31 -9.72
N GLU B 248 14.06 20.99 -11.01
CA GLU B 248 14.61 21.86 -12.08
C GLU B 248 13.76 21.65 -13.33
N GLU B 249 13.21 22.73 -13.88
CA GLU B 249 12.52 22.78 -15.20
C GLU B 249 13.56 22.99 -16.29
N PHE B 250 13.66 22.07 -17.25
CA PHE B 250 14.33 22.24 -18.57
C PHE B 250 13.21 22.50 -19.60
N GLU B 251 13.53 22.63 -20.88
CA GLU B 251 12.49 23.06 -21.86
C GLU B 251 11.58 21.87 -22.17
N GLU B 252 12.14 20.67 -22.31
CA GLU B 252 11.39 19.44 -22.67
C GLU B 252 10.95 18.62 -21.44
N TYR B 253 11.48 18.85 -20.23
CA TYR B 253 11.25 17.93 -19.07
C TYR B 253 11.56 18.63 -17.75
N PHE B 254 11.00 18.09 -16.65
CA PHE B 254 11.40 18.45 -15.28
C PHE B 254 12.32 17.35 -14.75
N MET B 255 13.39 17.75 -14.07
CA MET B 255 14.27 16.83 -13.33
C MET B 255 13.88 16.97 -11.87
N ILE B 256 13.45 15.86 -11.26
CA ILE B 256 12.88 15.86 -9.87
C ILE B 256 13.51 14.71 -9.08
N SER B 257 13.75 14.96 -7.80
CA SER B 257 14.09 13.90 -6.83
C SER B 257 13.31 14.18 -5.55
N GLY B 258 12.92 13.09 -4.88
CA GLY B 258 12.28 13.19 -3.56
C GLY B 258 13.25 13.10 -2.40
N ILE B 259 12.75 12.62 -1.28
CA ILE B 259 13.47 12.60 0.01
C ILE B 259 14.58 11.56 -0.05
N ASP B 260 14.57 10.64 -1.03
CA ASP B 260 15.62 9.62 -1.17
C ASP B 260 16.57 9.94 -2.35
N GLY B 261 16.29 10.97 -3.10
CA GLY B 261 17.26 11.62 -4.01
C GLY B 261 17.43 10.95 -5.38
N PHE B 262 16.53 10.08 -5.83
CA PHE B 262 16.66 9.42 -7.15
C PHE B 262 16.07 10.33 -8.22
N LYS B 263 16.77 10.42 -9.36
CA LYS B 263 16.36 11.25 -10.51
C LYS B 263 15.11 10.71 -11.19
N ILE B 264 14.10 11.58 -11.28
CA ILE B 264 12.91 11.39 -12.12
C ILE B 264 13.07 12.29 -13.33
N ILE B 265 12.79 11.78 -14.52
CA ILE B 265 12.61 12.62 -15.73
C ILE B 265 11.12 12.65 -16.07
N ALA B 266 10.48 13.79 -15.90
CA ALA B 266 9.06 13.97 -16.27
C ALA B 266 9.01 14.68 -17.62
N GLN B 267 8.65 13.99 -18.71
CA GLN B 267 8.64 14.56 -20.10
C GLN B 267 7.41 15.50 -20.24
N LYS B 268 7.63 16.76 -20.59
CA LYS B 268 6.56 17.73 -20.89
C LYS B 268 5.81 17.36 -22.17
N TYR B 269 4.52 17.70 -22.25
CA TYR B 269 3.64 17.64 -23.45
C TYR B 269 4.10 18.65 -24.52
N ASN B 270 4.54 19.85 -24.11
CA ASN B 270 5.26 20.83 -24.98
C ASN B 270 6.59 20.24 -25.46
N1 FON C . 19.99 11.20 10.84
C2 FON C . 20.06 11.10 9.48
NA2 FON C . 20.85 11.95 8.82
N3 FON C . 19.41 10.14 8.82
C4 FON C . 18.60 9.25 9.51
O4 FON C . 18.02 8.40 8.84
C4A FON C . 18.50 9.31 10.94
N5 FON C . 17.59 8.51 11.73
C6 FON C . 17.32 9.02 13.12
C7 FON C . 18.64 9.44 13.77
N8 FON C . 19.24 10.47 12.95
C8A FON C . 19.23 10.34 11.59
C9 FON C . 16.37 10.24 13.16
N10 FON C . 15.04 10.08 12.58
C11 FON C . 12.52 13.35 11.88
C12 FON C . 13.53 13.39 12.84
C13 FON C . 14.34 12.31 13.08
C14 FON C . 14.19 11.14 12.33
C15 FON C . 13.20 11.08 11.37
C16 FON C . 12.38 12.17 11.13
C FON C . 11.72 14.60 11.71
O FON C . 11.93 15.58 12.42
N FON C . 10.80 14.61 10.72
CA FON C . 10.02 15.79 10.34
CB FON C . 10.46 16.36 8.97
CG FON C . 11.66 17.28 9.02
CD FON C . 12.26 17.51 7.64
OE1 FON C . 11.48 17.52 6.67
OE2 FON C . 13.51 17.62 7.54
CT FON C . 8.54 15.41 10.22
O1 FON C . 8.28 14.23 9.95
O2 FON C . 7.71 16.33 10.28
CP1 FON C . 16.78 7.45 11.37
O3 FON C . 15.66 7.20 11.91
O4 T3Q D . 1.09 11.22 18.84
C4 T3Q D . 1.49 10.09 18.73
N3 T3Q D . 0.64 9.08 18.55
C2 T3Q D . 1.07 7.83 18.43
O2 T3Q D . 0.25 6.98 18.25
C5 T3Q D . 2.82 9.79 18.81
C5M T3Q D . 3.80 10.88 19.02
C6 T3Q D . 3.24 8.49 18.66
N1 T3Q D . 2.42 7.52 18.48
C1' T3Q D . 2.85 6.16 18.34
O4' T3Q D . 4.07 5.86 18.94
C2' T3Q D . 3.03 5.85 16.86
C3' T3Q D . 4.51 5.88 16.66
O3' T3Q D . 4.93 5.06 15.58
C4' T3Q D . 5.01 5.43 18.00
C5' T3Q D . 6.37 5.97 18.31
O5' T3Q D . 6.35 7.35 18.36
PA T3Q D . 7.63 8.14 18.20
O1A T3Q D . 8.46 7.84 19.26
O2A T3Q D . 7.36 9.52 18.09
O3A T3Q D . 8.36 7.53 16.98
PB T3Q D . 7.96 7.49 15.47
O1B T3Q D . 7.25 8.68 15.08
O2B T3Q D . 7.35 6.25 15.16
O3B T3Q D . 9.38 7.40 14.76
O4Q T3Q D . 13.75 8.08 16.45
C4Q T3Q D . 12.72 8.50 15.62
C5Q T3Q D . 11.44 8.63 16.41
O5Q T3Q D . 10.49 9.25 15.56
C6Q T3Q D . 11.67 9.40 17.70
C3Q T3Q D . 12.47 7.43 14.61
N3Q T3Q D . 13.70 6.99 13.95
C2Q T3Q D . 11.46 8.01 13.64
O2Q T3Q D . 11.09 7.02 12.73
C1Q T3Q D . 10.22 8.51 14.41
C1 EDO E . -0.04 -3.08 1.21
O1 EDO E . 0.91 -2.32 0.48
C2 EDO E . -1.36 -3.11 0.55
O2 EDO E . -1.31 -3.69 -0.75
C1 EDO F . 3.53 10.62 25.90
O1 EDO F . 4.69 11.41 26.04
C2 EDO F . 3.90 9.19 25.83
O2 EDO F . 4.29 8.71 27.10
C1 EDO G . 18.74 16.04 28.54
O1 EDO G . 19.81 15.11 28.38
C2 EDO G . 17.60 15.79 27.62
O2 EDO G . 16.71 14.79 28.07
K K H . 13.63 5.67 11.74
N1 FON I . -22.71 -6.09 -10.05
C2 FON I . -22.49 -6.59 -8.79
NA2 FON I . -23.55 -6.85 -8.02
N3 FON I . -21.26 -6.83 -8.33
C4 FON I . -20.15 -6.55 -9.12
O4 FON I . -19.05 -6.78 -8.63
C4A FON I . -20.31 -6.02 -10.45
N5 FON I . -19.22 -5.62 -11.31
C6 FON I . -19.56 -4.84 -12.55
C7 FON I . -20.85 -5.38 -13.17
N8 FON I . -21.89 -5.32 -12.16
C8A FON I . -21.65 -5.79 -10.89
C9 FON I . -19.72 -3.33 -12.33
N10 FON I . -18.73 -2.64 -11.50
C11 FON I . -19.53 1.06 -9.69
C12 FON I . -20.11 0.72 -10.92
C13 FON I . -19.84 -0.50 -11.53
C14 FON I . -18.98 -1.42 -10.91
C15 FON I . -18.40 -1.08 -9.67
C16 FON I . -18.67 0.14 -9.09
C FON I . -19.86 2.40 -9.09
O FON I . -20.70 3.13 -9.64
N FON I . -19.24 2.77 -7.96
CA FON I . -19.61 3.93 -7.15
CB FON I . -20.10 3.53 -5.75
CG FON I . -21.45 2.84 -5.72
CD FON I . -21.89 2.40 -4.33
OE1 FON I . -21.30 2.89 -3.36
OE2 FON I . -22.81 1.58 -4.22
CT FON I . -18.43 4.90 -6.97
O1 FON I . -17.30 4.47 -7.14
O2 FON I . -18.69 6.06 -6.60
CP1 FON I . -17.86 -5.83 -11.05
O3 FON I . -16.92 -5.08 -11.41
O4 T3Q J . -11.52 10.18 -15.79
C4 T3Q J . -10.86 9.18 -15.92
N3 T3Q J . -9.53 9.22 -15.88
C2 T3Q J . -8.80 8.10 -16.02
O2 T3Q J . -7.61 8.21 -15.98
C5 T3Q J . -11.47 8.00 -16.14
C5M T3Q J . -12.96 7.96 -16.17
C6 T3Q J . -10.72 6.84 -16.27
N1 T3Q J . -9.40 6.87 -16.23
C1' T3Q J . -8.62 5.66 -16.41
O4' T3Q J . -9.26 4.75 -17.24
C2' T3Q J . -8.37 4.95 -15.10
C3' T3Q J . -9.41 3.87 -15.09
O3' T3Q J . -8.91 2.73 -14.45
C4' T3Q J . -9.56 3.57 -16.55
C5' T3Q J . -10.91 3.01 -16.95
O5' T3Q J . -11.98 3.84 -16.66
PA T3Q J . -13.41 3.30 -16.59
O1A T3Q J . -13.71 2.66 -17.79
O2A T3Q J . -14.28 4.37 -16.39
O3A T3Q J . -13.56 2.23 -15.51
PB T3Q J . -12.83 1.98 -14.16
O1B T3Q J . -13.17 3.07 -13.25
O2B T3Q J . -11.41 1.70 -14.25
O3B T3Q J . -13.49 0.66 -13.64
O4Q T3Q J . -16.80 -1.74 -15.68
C4Q T3Q J . -16.47 -0.98 -14.60
C5Q T3Q J . -15.89 0.30 -15.12
O5Q T3Q J . -15.68 1.19 -14.04
C6Q T3Q J . -16.80 0.92 -16.18
C3Q T3Q J . -15.38 -1.64 -13.82
N3Q T3Q J . -15.70 -3.02 -13.43
C2Q T3Q J . -15.17 -0.73 -12.63
O2Q T3Q J . -14.16 -1.18 -11.77
C1Q T3Q J . -14.79 0.66 -13.11
K K K . -14.47 -4.27 -11.75
#